data_5Y8B
#
_entry.id   5Y8B
#
_cell.length_a   71.039
_cell.length_b   71.039
_cell.length_c   78.206
_cell.angle_alpha   90.000
_cell.angle_beta   90.000
_cell.angle_gamma   120.000
#
_symmetry.space_group_name_H-M   'P 31 2 1'
#
loop_
_entity.id
_entity.type
_entity.pdbx_description
1 polymer 'Periplasmic binding protein'
2 non-polymer 'MAGNESIUM ION'
3 water water
#
_entity_poly.entity_id   1
_entity_poly.type   'polypeptide(L)'
_entity_poly.pdbx_seq_one_letter_code
;GPLGSERIVSLNGDITEIIFALGMGEYVVGVDSSATYPPERTKMLPNIGYQRRLSAEGILSLNPTLVIGDEAAGPPETLA
QIRAAGVPLAITADPPSLDAPQQKIRFVAQALGIPQRGERLAAQVEAEIAAARDLARRITNPPHVLFLYLRGTDVQQVAG
RNTAVDVMIAAAGGINAAADAGIVEFKPLSPEVVIAAQPDVLLVLDKGLESVGGVDGLLKIPGLADTPAGRQRRIIALDD
LYLLGMGPRTGQALTDLTIAFYDAAQGSRP
;
_entity_poly.pdbx_strand_id   A
#
loop_
_chem_comp.id
_chem_comp.type
_chem_comp.name
_chem_comp.formula
MG non-polymer 'MAGNESIUM ION' 'Mg 2'
#
# COMPACT_ATOMS: atom_id res chain seq x y z
N GLY A 4 28.35 15.26 -11.68
CA GLY A 4 27.31 14.90 -12.68
C GLY A 4 25.92 14.83 -12.08
N SER A 5 24.97 15.51 -12.73
CA SER A 5 23.59 15.54 -12.26
C SER A 5 22.89 14.19 -12.38
N GLU A 6 22.06 13.87 -11.39
CA GLU A 6 21.30 12.64 -11.36
C GLU A 6 19.82 13.04 -11.31
N ARG A 7 19.04 12.46 -12.21
CA ARG A 7 17.64 12.82 -12.34
C ARG A 7 16.82 11.53 -12.33
N ILE A 8 16.23 11.23 -11.17
CA ILE A 8 15.45 10.01 -10.98
C ILE A 8 13.96 10.27 -11.18
N VAL A 9 13.35 9.45 -12.02
CA VAL A 9 11.90 9.33 -12.06
C VAL A 9 11.52 8.01 -11.37
N SER A 10 10.70 8.13 -10.33
CA SER A 10 10.15 7.01 -9.57
C SER A 10 8.68 6.77 -9.94
N LEU A 11 8.34 5.53 -10.24
CA LEU A 11 7.02 5.20 -10.81
C LEU A 11 5.97 4.76 -9.80
N ASN A 12 6.37 4.51 -8.57
CA ASN A 12 5.44 4.02 -7.52
C ASN A 12 5.76 4.72 -6.19
N GLY A 13 4.71 5.00 -5.43
CA GLY A 13 4.82 5.74 -4.18
C GLY A 13 5.73 5.11 -3.13
N ASP A 14 5.68 3.78 -3.01
CA ASP A 14 6.54 3.07 -2.06
C ASP A 14 8.01 3.16 -2.43
N ILE A 15 8.30 3.04 -3.73
CA ILE A 15 9.64 3.25 -4.29
C ILE A 15 10.14 4.69 -3.99
N THR A 16 9.27 5.67 -4.20
CA THR A 16 9.55 7.07 -3.86
C THR A 16 9.88 7.22 -2.36
N GLU A 17 9.00 6.70 -1.51
CA GLU A 17 9.26 6.70 -0.06
C GLU A 17 10.63 6.10 0.34
N ILE A 18 11.01 4.97 -0.29
CA ILE A 18 12.33 4.35 -0.10
C ILE A 18 13.48 5.30 -0.49
N ILE A 19 13.33 6.00 -1.63
CA ILE A 19 14.37 6.93 -2.09
C ILE A 19 14.62 8.06 -1.07
N PHE A 20 13.55 8.68 -0.59
CA PHE A 20 13.65 9.69 0.46
C PHE A 20 14.26 9.17 1.78
N ALA A 21 13.78 8.00 2.22
CA ALA A 21 14.29 7.31 3.43
C ALA A 21 15.76 6.95 3.33
N LEU A 22 16.22 6.61 2.14
CA LEU A 22 17.65 6.41 1.88
C LEU A 22 18.46 7.72 1.78
N GLY A 23 17.78 8.86 1.91
CA GLY A 23 18.43 10.19 1.88
C GLY A 23 18.77 10.67 0.48
N MET A 24 18.08 10.13 -0.53
CA MET A 24 18.38 10.43 -1.92
C MET A 24 17.27 11.24 -2.61
N GLY A 25 16.35 11.77 -1.80
CA GLY A 25 15.20 12.52 -2.30
C GLY A 25 15.48 13.73 -3.17
N GLU A 26 16.65 14.34 -3.00
CA GLU A 26 17.03 15.55 -3.74
C GLU A 26 17.21 15.29 -5.24
N TYR A 27 17.42 14.03 -5.61
CA TYR A 27 17.65 13.65 -7.00
C TYR A 27 16.38 13.22 -7.74
N VAL A 28 15.24 13.28 -7.05
CA VAL A 28 13.96 12.88 -7.64
C VAL A 28 13.35 14.05 -8.40
N VAL A 29 13.12 13.84 -9.70
CA VAL A 29 12.56 14.91 -10.55
C VAL A 29 11.08 14.71 -10.88
N GLY A 30 10.58 13.49 -10.74
CA GLY A 30 9.19 13.17 -11.01
C GLY A 30 8.72 11.95 -10.27
N VAL A 31 7.47 12.02 -9.82
CA VAL A 31 6.81 10.95 -9.05
C VAL A 31 5.42 10.64 -9.60
N ASP A 32 4.81 9.56 -9.13
CA ASP A 32 3.41 9.26 -9.48
C ASP A 32 2.40 9.79 -8.47
N SER A 33 1.12 9.66 -8.80
CA SER A 33 0.01 10.11 -7.94
C SER A 33 -0.06 9.48 -6.56
N SER A 34 0.48 8.28 -6.43
CA SER A 34 0.42 7.55 -5.18
C SER A 34 1.55 7.92 -4.23
N ALA A 35 2.46 8.79 -4.68
CA ALA A 35 3.64 9.19 -3.89
C ALA A 35 3.31 10.29 -2.87
N THR A 36 2.72 9.89 -1.75
CA THR A 36 2.21 10.86 -0.76
C THR A 36 3.08 11.01 0.50
N TYR A 37 4.25 10.36 0.51
CA TYR A 37 5.17 10.42 1.66
C TYR A 37 6.65 10.57 1.24
N PRO A 38 7.41 11.54 1.81
CA PRO A 38 6.93 12.50 2.83
C PRO A 38 6.07 13.58 2.19
N PRO A 39 4.89 13.88 2.78
CA PRO A 39 3.89 14.71 2.09
C PRO A 39 4.45 16.06 1.70
N GLU A 40 5.13 16.73 2.63
CA GLU A 40 5.68 18.09 2.44
C GLU A 40 6.68 18.22 1.27
N ARG A 41 7.35 17.12 0.93
CA ARG A 41 8.36 17.12 -0.13
C ARG A 41 7.85 16.59 -1.49
N THR A 42 7.04 15.54 -1.48
CA THR A 42 6.55 14.92 -2.73
C THR A 42 5.49 15.76 -3.45
N LYS A 43 4.63 16.45 -2.69
CA LYS A 43 3.56 17.31 -3.26
C LYS A 43 4.13 18.52 -4.03
N MET A 44 5.43 18.76 -3.86
CA MET A 44 6.14 19.84 -4.53
C MET A 44 6.85 19.35 -5.80
N LEU A 45 6.62 18.09 -6.15
CA LEU A 45 7.29 17.50 -7.30
C LEU A 45 6.34 17.26 -8.48
N PRO A 46 6.87 17.39 -9.73
CA PRO A 46 6.03 17.10 -10.91
C PRO A 46 5.46 15.68 -10.86
N ASN A 47 4.16 15.57 -11.15
CA ASN A 47 3.46 14.30 -11.24
C ASN A 47 3.73 13.71 -12.63
N ILE A 48 3.76 12.38 -12.73
CA ILE A 48 3.88 11.72 -14.05
C ILE A 48 2.59 11.00 -14.46
N GLY A 49 1.61 10.96 -13.55
CA GLY A 49 0.33 10.28 -13.79
C GLY A 49 0.08 9.11 -12.87
N TYR A 50 -0.84 8.25 -13.25
CA TYR A 50 -1.22 7.09 -12.47
C TYR A 50 -0.30 5.91 -12.78
N GLN A 51 0.21 5.29 -11.72
CA GLN A 51 1.27 4.27 -11.82
C GLN A 51 0.98 3.14 -12.81
N ARG A 52 -0.31 2.81 -12.99
CA ARG A 52 -0.74 1.74 -13.90
C ARG A 52 -1.09 2.23 -15.31
N ARG A 53 -1.14 3.54 -15.49
CA ARG A 53 -1.61 4.19 -16.72
C ARG A 53 -0.57 5.21 -17.25
N LEU A 54 0.67 4.75 -17.41
CA LEU A 54 1.79 5.64 -17.73
C LEU A 54 2.08 5.80 -19.21
N SER A 55 2.55 6.99 -19.58
CA SER A 55 3.09 7.24 -20.92
C SER A 55 4.60 7.46 -20.86
N ALA A 56 5.28 7.06 -21.94
CA ALA A 56 6.71 7.27 -22.10
C ALA A 56 7.03 8.74 -22.22
N GLU A 57 6.18 9.48 -22.95
CA GLU A 57 6.27 10.93 -23.11
C GLU A 57 6.32 11.61 -21.75
N GLY A 58 5.43 11.19 -20.85
CA GLY A 58 5.33 11.72 -19.48
C GLY A 58 6.61 11.53 -18.69
N ILE A 59 7.10 10.30 -18.68
CA ILE A 59 8.35 9.95 -18.01
C ILE A 59 9.56 10.64 -18.69
N LEU A 60 9.68 10.50 -20.01
CA LEU A 60 10.90 10.89 -20.74
C LEU A 60 11.16 12.39 -20.82
N SER A 61 10.11 13.21 -20.83
CA SER A 61 10.28 14.67 -20.97
C SER A 61 10.71 15.36 -19.65
N LEU A 62 10.76 14.58 -18.56
CA LEU A 62 11.41 15.01 -17.34
C LEU A 62 12.91 14.80 -17.40
N ASN A 63 13.35 14.18 -18.50
CA ASN A 63 14.77 13.96 -18.84
C ASN A 63 15.52 13.12 -17.77
N PRO A 64 15.04 11.89 -17.49
CA PRO A 64 15.65 11.11 -16.41
C PRO A 64 17.02 10.53 -16.76
N THR A 65 17.90 10.44 -15.76
CA THR A 65 19.11 9.61 -15.89
C THR A 65 18.78 8.18 -15.50
N LEU A 66 17.73 8.02 -14.68
CA LEU A 66 17.27 6.73 -14.17
C LEU A 66 15.74 6.71 -13.95
N VAL A 67 15.10 5.61 -14.35
CA VAL A 67 13.68 5.37 -14.12
C VAL A 67 13.56 4.11 -13.28
N ILE A 68 12.85 4.21 -12.16
CA ILE A 68 12.84 3.13 -11.18
C ILE A 68 11.41 2.93 -10.68
N GLY A 69 11.01 1.66 -10.56
CA GLY A 69 9.69 1.29 -10.04
C GLY A 69 9.57 -0.17 -9.60
N ASP A 70 8.35 -0.59 -9.31
CA ASP A 70 8.08 -2.01 -9.07
C ASP A 70 7.06 -2.60 -10.06
N GLU A 71 6.75 -3.88 -9.90
CA GLU A 71 5.81 -4.59 -10.79
C GLU A 71 4.39 -3.96 -10.92
N ALA A 72 4.00 -3.06 -10.03
CA ALA A 72 2.70 -2.37 -10.17
C ALA A 72 2.68 -1.31 -11.28
N ALA A 73 3.85 -0.78 -11.64
CA ALA A 73 4.00 0.21 -12.70
C ALA A 73 3.68 -0.37 -14.09
N GLY A 74 2.91 0.36 -14.88
CA GLY A 74 2.56 -0.09 -16.23
C GLY A 74 1.91 0.99 -17.08
N PRO A 75 1.42 0.63 -18.28
CA PRO A 75 1.41 -0.76 -18.79
C PRO A 75 2.78 -1.26 -19.27
N PRO A 76 2.96 -2.60 -19.41
CA PRO A 76 4.22 -3.18 -19.92
C PRO A 76 4.77 -2.51 -21.20
N GLU A 77 3.86 -2.06 -22.07
CA GLU A 77 4.20 -1.50 -23.38
C GLU A 77 4.91 -0.13 -23.26
N THR A 78 4.44 0.71 -22.34
CA THR A 78 5.10 1.96 -21.98
C THR A 78 6.52 1.72 -21.44
N LEU A 79 6.64 0.73 -20.57
CA LEU A 79 7.96 0.32 -20.04
C LEU A 79 8.96 -0.08 -21.13
N ALA A 80 8.50 -0.80 -22.17
CA ALA A 80 9.34 -1.15 -23.33
C ALA A 80 9.80 0.08 -24.12
N GLN A 81 8.98 1.13 -24.12
CA GLN A 81 9.32 2.41 -24.76
C GLN A 81 10.48 3.13 -24.09
N ILE A 82 10.60 3.00 -22.77
CA ILE A 82 11.67 3.63 -21.98
C ILE A 82 13.01 3.00 -22.31
N ARG A 83 13.04 1.67 -22.24
CA ARG A 83 14.20 0.84 -22.56
C ARG A 83 14.66 1.05 -23.99
N ALA A 84 13.71 1.23 -24.90
CA ALA A 84 13.99 1.49 -26.32
C ALA A 84 14.61 2.87 -26.55
N ALA A 85 14.30 3.82 -25.68
CA ALA A 85 14.93 5.16 -25.71
C ALA A 85 16.33 5.15 -25.08
N GLY A 86 16.73 4.01 -24.54
CA GLY A 86 18.05 3.86 -23.91
C GLY A 86 18.21 4.49 -22.52
N VAL A 87 17.09 4.80 -21.87
CA VAL A 87 17.12 5.28 -20.48
C VAL A 87 17.12 4.06 -19.56
N PRO A 88 18.12 3.94 -18.63
CA PRO A 88 18.19 2.81 -17.70
C PRO A 88 16.91 2.70 -16.87
N LEU A 89 16.36 1.49 -16.83
CA LEU A 89 15.07 1.23 -16.20
C LEU A 89 15.21 0.08 -15.21
N ALA A 90 14.93 0.35 -13.95
CA ALA A 90 15.06 -0.68 -12.91
C ALA A 90 13.69 -0.99 -12.27
N ILE A 91 13.15 -2.16 -12.57
CA ILE A 91 11.84 -2.58 -12.04
C ILE A 91 12.02 -3.74 -11.08
N THR A 92 11.54 -3.57 -9.84
CA THR A 92 11.60 -4.64 -8.82
C THR A 92 10.28 -5.38 -8.65
N ALA A 93 10.36 -6.61 -8.14
CA ALA A 93 9.18 -7.34 -7.73
C ALA A 93 8.63 -6.72 -6.44
N ASP A 94 7.32 -6.81 -6.27
CA ASP A 94 6.66 -6.36 -5.06
C ASP A 94 5.64 -7.42 -4.63
N PRO A 95 6.12 -8.52 -4.01
CA PRO A 95 5.21 -9.60 -3.66
C PRO A 95 4.33 -9.25 -2.45
N PRO A 96 3.12 -9.86 -2.35
CA PRO A 96 2.30 -9.69 -1.16
C PRO A 96 2.86 -10.51 0.01
N SER A 97 3.87 -9.96 0.68
CA SER A 97 4.46 -10.58 1.85
C SER A 97 5.20 -9.53 2.68
N LEU A 98 5.37 -9.83 3.96
CA LEU A 98 6.13 -8.98 4.88
C LEU A 98 7.62 -8.83 4.54
N ASP A 99 8.07 -9.55 3.51
CA ASP A 99 9.43 -9.46 3.02
C ASP A 99 9.62 -8.44 1.91
N ALA A 100 8.52 -8.00 1.30
CA ALA A 100 8.57 -6.97 0.26
C ALA A 100 9.30 -5.67 0.66
N PRO A 101 9.08 -5.12 1.89
CA PRO A 101 9.80 -3.87 2.20
C PRO A 101 11.31 -4.01 2.11
N GLN A 102 11.88 -4.99 2.81
CA GLN A 102 13.34 -5.21 2.83
C GLN A 102 13.93 -5.48 1.44
N GLN A 103 13.21 -6.24 0.61
CA GLN A 103 13.60 -6.53 -0.78
C GLN A 103 13.64 -5.28 -1.68
N LYS A 104 12.61 -4.44 -1.56
CA LYS A 104 12.56 -3.19 -2.33
C LYS A 104 13.62 -2.18 -1.88
N ILE A 105 13.89 -2.12 -0.57
CA ILE A 105 14.93 -1.24 0.00
C ILE A 105 16.32 -1.57 -0.56
N ARG A 106 16.64 -2.87 -0.62
CA ARG A 106 17.95 -3.36 -1.08
C ARG A 106 18.12 -3.16 -2.57
N PHE A 107 17.04 -3.41 -3.32
CA PHE A 107 17.02 -3.21 -4.77
C PHE A 107 17.31 -1.74 -5.11
N VAL A 108 16.55 -0.83 -4.48
CA VAL A 108 16.68 0.62 -4.68
C VAL A 108 18.08 1.13 -4.29
N ALA A 109 18.55 0.75 -3.10
CA ALA A 109 19.88 1.16 -2.60
C ALA A 109 20.99 0.76 -3.56
N GLN A 110 20.89 -0.46 -4.09
CA GLN A 110 21.84 -0.98 -5.07
C GLN A 110 21.75 -0.25 -6.40
N ALA A 111 20.52 -0.03 -6.89
CA ALA A 111 20.26 0.78 -8.09
C ALA A 111 20.81 2.22 -7.98
N LEU A 112 20.83 2.76 -6.75
CA LEU A 112 21.38 4.09 -6.46
C LEU A 112 22.86 4.05 -6.00
N GLY A 113 23.49 2.88 -6.08
CA GLY A 113 24.89 2.70 -5.66
C GLY A 113 25.20 2.98 -4.20
N ILE A 114 24.22 2.79 -3.32
CA ILE A 114 24.40 2.93 -1.86
C ILE A 114 23.95 1.68 -1.07
N PRO A 115 24.50 0.48 -1.44
CA PRO A 115 23.97 -0.78 -0.86
C PRO A 115 24.06 -0.85 0.67
N GLN A 116 25.14 -0.29 1.25
CA GLN A 116 25.32 -0.29 2.70
C GLN A 116 24.26 0.56 3.44
N ARG A 117 23.89 1.71 2.87
CA ARG A 117 22.71 2.48 3.35
C ARG A 117 21.43 1.64 3.32
N GLY A 118 21.27 0.81 2.29
CA GLY A 118 20.12 -0.04 2.12
C GLY A 118 20.05 -1.19 3.11
N GLU A 119 21.20 -1.76 3.45
CA GLU A 119 21.29 -2.71 4.57
C GLU A 119 20.86 -2.09 5.91
N ARG A 120 21.23 -0.82 6.14
CA ARG A 120 20.91 -0.14 7.41
C ARG A 120 19.42 0.15 7.57
N LEU A 121 18.82 0.78 6.56
CA LEU A 121 17.38 1.02 6.50
C LEU A 121 16.57 -0.29 6.55
N ALA A 122 16.97 -1.30 5.76
CA ALA A 122 16.28 -2.60 5.75
C ALA A 122 16.23 -3.23 7.15
N ALA A 123 17.35 -3.12 7.88
CA ALA A 123 17.44 -3.66 9.25
C ALA A 123 16.54 -2.91 10.23
N GLN A 124 16.53 -1.57 10.11
CA GLN A 124 15.68 -0.71 10.91
C GLN A 124 14.19 -1.02 10.70
N VAL A 125 13.82 -1.22 9.43
CA VAL A 125 12.44 -1.52 9.03
C VAL A 125 12.00 -2.89 9.55
N GLU A 126 12.87 -3.88 9.34
CA GLU A 126 12.75 -5.24 9.89
C GLU A 126 12.46 -5.21 11.40
N ALA A 127 13.26 -4.43 12.13
CA ALA A 127 13.11 -4.28 13.58
C ALA A 127 11.74 -3.72 14.00
N GLU A 128 11.24 -2.73 13.25
CA GLU A 128 9.92 -2.16 13.54
C GLU A 128 8.79 -3.13 13.20
N ILE A 129 8.97 -3.91 12.13
CA ILE A 129 8.05 -5.00 11.78
C ILE A 129 8.01 -6.02 12.91
N ALA A 130 9.19 -6.51 13.32
CA ALA A 130 9.29 -7.49 14.44
C ALA A 130 8.63 -6.96 15.73
N ALA A 131 8.91 -5.69 16.07
CA ALA A 131 8.31 -5.05 17.26
C ALA A 131 6.77 -4.97 17.19
N ALA A 132 6.22 -4.63 16.01
CA ALA A 132 4.75 -4.57 15.83
C ALA A 132 4.09 -5.94 15.97
N ARG A 133 4.73 -6.99 15.42
CA ARG A 133 4.22 -8.36 15.48
C ARG A 133 4.19 -8.91 16.90
N ASP A 134 5.09 -8.38 17.72
CA ASP A 134 5.15 -8.71 19.13
C ASP A 134 3.99 -8.04 19.89
N LEU A 135 3.65 -6.83 19.49
CA LEU A 135 2.51 -6.13 20.04
C LEU A 135 1.18 -6.83 19.71
N ALA A 136 1.16 -7.53 18.56
CA ALA A 136 0.02 -8.35 18.14
C ALA A 136 -0.30 -9.51 19.10
N ARG A 137 0.68 -9.92 19.91
CA ARG A 137 0.49 -10.92 20.99
C ARG A 137 -0.44 -10.44 22.13
N ARG A 138 -0.80 -9.15 22.14
CA ARG A 138 -1.87 -8.66 23.04
C ARG A 138 -3.24 -9.26 22.70
N ILE A 139 -3.45 -9.61 21.43
CA ILE A 139 -4.74 -10.05 20.98
C ILE A 139 -4.91 -11.53 21.25
N THR A 140 -5.88 -11.86 22.10
CA THR A 140 -6.19 -13.24 22.51
C THR A 140 -7.41 -13.75 21.76
N ASN A 141 -8.24 -12.83 21.29
CA ASN A 141 -9.41 -13.17 20.49
C ASN A 141 -9.36 -12.36 19.18
N PRO A 142 -8.76 -12.95 18.12
CA PRO A 142 -8.61 -12.27 16.80
C PRO A 142 -9.91 -11.72 16.23
N PRO A 143 -9.98 -10.40 15.98
CA PRO A 143 -11.19 -9.89 15.36
C PRO A 143 -11.24 -10.28 13.88
N HIS A 144 -12.48 -10.40 13.37
CA HIS A 144 -12.72 -10.63 11.96
C HIS A 144 -12.77 -9.27 11.27
N VAL A 145 -11.92 -9.12 10.26
CA VAL A 145 -11.72 -7.85 9.56
C VAL A 145 -12.10 -8.03 8.09
N LEU A 146 -12.89 -7.10 7.58
CA LEU A 146 -13.16 -6.99 6.16
C LEU A 146 -12.52 -5.72 5.54
N PHE A 147 -11.62 -5.92 4.57
CA PHE A 147 -11.09 -4.78 3.80
C PHE A 147 -11.98 -4.49 2.61
N LEU A 148 -12.32 -3.22 2.46
CA LEU A 148 -13.14 -2.76 1.34
C LEU A 148 -12.39 -1.80 0.45
N TYR A 149 -12.35 -2.10 -0.84
CA TYR A 149 -11.80 -1.19 -1.81
C TYR A 149 -12.93 -0.42 -2.52
N LEU A 150 -12.98 0.88 -2.26
CA LEU A 150 -14.09 1.74 -2.68
C LEU A 150 -13.68 2.88 -3.60
N ARG A 151 -14.48 3.07 -4.64
CA ARG A 151 -14.45 4.28 -5.47
C ARG A 151 -15.91 4.63 -5.72
N GLY A 152 -16.51 5.43 -4.84
CA GLY A 152 -17.93 5.80 -4.93
C GLY A 152 -18.82 4.60 -5.23
N THR A 153 -19.58 4.68 -6.33
CA THR A 153 -20.41 3.55 -6.79
C THR A 153 -19.81 2.79 -7.99
N ASP A 154 -18.70 3.27 -8.52
CA ASP A 154 -18.06 2.64 -9.68
C ASP A 154 -17.34 1.34 -9.32
N VAL A 155 -16.72 1.32 -8.14
CA VAL A 155 -15.94 0.17 -7.64
C VAL A 155 -16.28 -0.07 -6.16
N GLN A 156 -16.70 -1.30 -5.85
CA GLN A 156 -16.89 -1.75 -4.46
C GLN A 156 -16.43 -3.19 -4.32
N GLN A 157 -15.22 -3.36 -3.80
CA GLN A 157 -14.57 -4.66 -3.77
C GLN A 157 -14.05 -5.06 -2.40
N VAL A 158 -13.97 -6.37 -2.17
CA VAL A 158 -13.34 -6.94 -0.97
C VAL A 158 -11.99 -7.51 -1.35
N ALA A 159 -11.05 -7.50 -0.42
CA ALA A 159 -9.75 -8.12 -0.63
C ALA A 159 -9.65 -9.44 0.13
N GLY A 160 -9.22 -10.48 -0.58
CA GLY A 160 -8.95 -11.78 0.01
C GLY A 160 -7.47 -12.10 0.00
N ARG A 161 -7.16 -13.35 -0.30
CA ARG A 161 -5.80 -13.90 -0.23
C ARG A 161 -4.96 -13.41 -1.42
N ASN A 162 -3.64 -13.55 -1.31
CA ASN A 162 -2.67 -13.15 -2.35
C ASN A 162 -2.72 -11.61 -2.59
N THR A 163 -2.90 -10.85 -1.49
CA THR A 163 -2.81 -9.37 -1.50
C THR A 163 -1.94 -8.87 -0.35
N ALA A 164 -1.42 -7.64 -0.50
CA ALA A 164 -0.71 -6.95 0.58
C ALA A 164 -1.56 -6.82 1.83
N VAL A 165 -2.84 -6.48 1.67
CA VAL A 165 -3.69 -6.19 2.83
C VAL A 165 -3.96 -7.44 3.68
N ASP A 166 -4.06 -8.59 3.01
CA ASP A 166 -4.18 -9.88 3.70
C ASP A 166 -3.03 -10.12 4.68
N VAL A 167 -1.80 -9.88 4.20
CA VAL A 167 -0.57 -10.00 5.00
C VAL A 167 -0.62 -9.06 6.21
N MET A 168 -1.00 -7.80 5.96
CA MET A 168 -1.14 -6.78 7.00
C MET A 168 -2.16 -7.15 8.09
N ILE A 169 -3.31 -7.67 7.68
CA ILE A 169 -4.38 -8.04 8.60
C ILE A 169 -3.92 -9.14 9.56
N ALA A 170 -3.28 -10.18 8.99
CA ALA A 170 -2.82 -11.36 9.72
C ALA A 170 -1.65 -11.03 10.65
N ALA A 171 -0.64 -10.34 10.12
CA ALA A 171 0.53 -9.90 10.91
C ALA A 171 0.13 -9.05 12.13
N ALA A 172 -0.92 -8.25 11.98
CA ALA A 172 -1.47 -7.43 13.06
C ALA A 172 -2.37 -8.18 14.04
N GLY A 173 -2.66 -9.46 13.78
CA GLY A 173 -3.46 -10.28 14.70
C GLY A 173 -4.95 -10.38 14.42
N GLY A 174 -5.35 -10.05 13.20
CA GLY A 174 -6.75 -10.15 12.79
C GLY A 174 -6.94 -11.34 11.85
N ILE A 175 -8.19 -11.76 11.70
CA ILE A 175 -8.58 -12.68 10.63
C ILE A 175 -9.08 -11.84 9.44
N ASN A 176 -8.55 -12.08 8.24
CA ASN A 176 -9.18 -11.52 7.03
C ASN A 176 -10.41 -12.37 6.74
N ALA A 177 -11.58 -11.80 6.99
CA ALA A 177 -12.87 -12.49 6.90
C ALA A 177 -13.21 -12.93 5.47
N ALA A 178 -12.81 -12.11 4.49
CA ALA A 178 -13.03 -12.42 3.07
C ALA A 178 -12.14 -13.58 2.62
N ALA A 179 -10.85 -13.51 2.98
CA ALA A 179 -9.87 -14.54 2.69
C ALA A 179 -10.32 -15.87 3.30
N ASP A 180 -10.78 -15.81 4.54
CA ASP A 180 -11.24 -16.98 5.27
C ASP A 180 -12.45 -17.64 4.60
N ALA A 181 -13.29 -16.83 3.96
CA ALA A 181 -14.39 -17.29 3.11
C ALA A 181 -13.94 -17.67 1.68
N GLY A 182 -12.63 -17.69 1.43
CA GLY A 182 -12.11 -18.15 0.13
C GLY A 182 -11.89 -17.13 -0.98
N ILE A 183 -12.20 -15.86 -0.74
CA ILE A 183 -11.94 -14.80 -1.72
C ILE A 183 -10.43 -14.69 -2.00
N VAL A 184 -10.10 -14.64 -3.28
CA VAL A 184 -8.73 -14.48 -3.75
C VAL A 184 -8.65 -13.13 -4.46
N GLU A 185 -7.64 -12.34 -4.07
CA GLU A 185 -7.41 -10.99 -4.59
C GLU A 185 -8.65 -10.11 -4.40
N PHE A 186 -8.92 -9.26 -5.39
CA PHE A 186 -10.01 -8.29 -5.32
C PHE A 186 -11.23 -8.79 -6.10
N LYS A 187 -12.34 -8.92 -5.38
CA LYS A 187 -13.62 -9.38 -5.95
C LYS A 187 -14.76 -8.45 -5.58
N PRO A 188 -15.74 -8.24 -6.50
CA PRO A 188 -16.93 -7.44 -6.17
C PRO A 188 -17.61 -7.86 -4.87
N LEU A 189 -17.88 -6.86 -4.04
CA LEU A 189 -18.53 -7.01 -2.75
C LEU A 189 -20.00 -7.41 -2.91
N SER A 190 -20.38 -8.54 -2.30
CA SER A 190 -21.78 -8.97 -2.27
C SER A 190 -22.36 -8.94 -0.86
N PRO A 191 -23.68 -8.61 -0.72
CA PRO A 191 -24.33 -8.68 0.60
C PRO A 191 -24.22 -10.06 1.28
N GLU A 192 -24.13 -11.14 0.51
CA GLU A 192 -23.98 -12.50 1.06
C GLU A 192 -22.67 -12.69 1.81
N VAL A 193 -21.58 -12.27 1.17
CA VAL A 193 -20.24 -12.38 1.73
C VAL A 193 -20.11 -11.60 3.03
N VAL A 194 -20.56 -10.35 3.02
CA VAL A 194 -20.51 -9.46 4.20
C VAL A 194 -21.27 -10.05 5.38
N ILE A 195 -22.51 -10.47 5.12
CA ILE A 195 -23.40 -11.00 6.15
C ILE A 195 -22.86 -12.30 6.75
N ALA A 196 -22.38 -13.22 5.90
CA ALA A 196 -21.72 -14.44 6.37
C ALA A 196 -20.47 -14.14 7.22
N ALA A 197 -19.68 -13.15 6.80
CA ALA A 197 -18.41 -12.82 7.45
C ALA A 197 -18.59 -12.27 8.87
N GLN A 198 -19.69 -11.54 9.08
CA GLN A 198 -19.94 -10.78 10.32
C GLN A 198 -18.67 -10.10 10.86
N PRO A 199 -18.04 -9.24 10.03
CA PRO A 199 -16.79 -8.64 10.51
C PRO A 199 -17.00 -7.77 11.74
N ASP A 200 -16.05 -7.88 12.68
CA ASP A 200 -15.99 -7.04 13.86
C ASP A 200 -15.56 -5.63 13.52
N VAL A 201 -14.81 -5.50 12.44
CA VAL A 201 -14.24 -4.21 12.05
C VAL A 201 -14.09 -4.11 10.51
N LEU A 202 -14.47 -2.95 9.98
CA LEU A 202 -14.32 -2.64 8.57
C LEU A 202 -13.08 -1.79 8.33
N LEU A 203 -12.16 -2.31 7.51
CA LEU A 203 -10.93 -1.63 7.13
C LEU A 203 -11.07 -1.02 5.73
N VAL A 204 -10.82 0.29 5.63
CA VAL A 204 -10.99 1.02 4.39
C VAL A 204 -9.81 1.97 4.12
N LEU A 205 -9.81 2.58 2.95
CA LEU A 205 -8.87 3.63 2.62
C LEU A 205 -9.50 5.00 2.80
N ASP A 206 -8.71 5.93 3.35
CA ASP A 206 -9.04 7.37 3.46
C ASP A 206 -9.84 7.88 2.23
N LYS A 207 -9.25 7.81 1.05
CA LYS A 207 -9.89 8.35 -0.17
C LYS A 207 -11.13 7.58 -0.62
N GLY A 208 -11.15 6.27 -0.35
CA GLY A 208 -12.33 5.42 -0.59
C GLY A 208 -13.50 5.80 0.30
N LEU A 209 -13.22 5.96 1.59
CA LEU A 209 -14.21 6.42 2.58
C LEU A 209 -14.81 7.81 2.29
N GLU A 210 -13.96 8.74 1.86
CA GLU A 210 -14.44 10.06 1.42
C GLU A 210 -15.35 9.90 0.21
N SER A 211 -14.90 9.09 -0.76
CA SER A 211 -15.58 8.87 -2.05
C SER A 211 -17.01 8.33 -1.94
N VAL A 212 -17.33 7.61 -0.87
CA VAL A 212 -18.69 7.05 -0.66
C VAL A 212 -19.58 7.98 0.20
N GLY A 213 -18.99 9.05 0.71
CA GLY A 213 -19.70 10.02 1.55
C GLY A 213 -19.60 9.72 3.04
N GLY A 214 -18.39 9.38 3.48
CA GLY A 214 -18.12 9.09 4.87
C GLY A 214 -18.80 7.83 5.37
N VAL A 215 -18.85 7.70 6.71
CA VAL A 215 -19.38 6.53 7.40
C VAL A 215 -20.84 6.27 7.04
N ASP A 216 -21.65 7.34 6.99
CA ASP A 216 -23.07 7.25 6.61
C ASP A 216 -23.29 6.70 5.20
N GLY A 217 -22.46 7.16 4.26
CA GLY A 217 -22.43 6.65 2.89
C GLY A 217 -22.03 5.18 2.83
N LEU A 218 -20.95 4.83 3.53
CA LEU A 218 -20.41 3.48 3.62
C LEU A 218 -21.46 2.48 4.13
N LEU A 219 -22.21 2.87 5.16
CA LEU A 219 -23.21 2.00 5.75
C LEU A 219 -24.50 1.86 4.94
N LYS A 220 -24.57 2.50 3.78
CA LYS A 220 -25.67 2.33 2.81
C LYS A 220 -25.38 1.24 1.78
N ILE A 221 -24.14 0.73 1.80
CA ILE A 221 -23.79 -0.41 0.94
C ILE A 221 -24.45 -1.65 1.54
N PRO A 222 -25.24 -2.40 0.72
CA PRO A 222 -26.06 -3.51 1.27
C PRO A 222 -25.29 -4.62 2.02
N GLY A 223 -25.76 -4.93 3.23
CA GLY A 223 -25.14 -5.93 4.09
C GLY A 223 -24.23 -5.38 5.17
N LEU A 224 -23.63 -4.22 4.92
CA LEU A 224 -22.64 -3.63 5.84
C LEU A 224 -23.21 -3.21 7.21
N ALA A 225 -24.42 -2.64 7.21
CA ALA A 225 -25.09 -2.22 8.46
C ALA A 225 -25.41 -3.38 9.41
N ASP A 226 -25.70 -4.56 8.86
CA ASP A 226 -26.09 -5.74 9.67
C ASP A 226 -24.90 -6.64 10.09
N THR A 227 -23.75 -6.01 10.34
CA THR A 227 -22.55 -6.68 10.84
C THR A 227 -22.24 -6.08 12.20
N PRO A 228 -21.48 -6.79 13.05
CA PRO A 228 -21.07 -6.14 14.31
C PRO A 228 -20.31 -4.82 14.08
N ALA A 229 -19.47 -4.77 13.03
CA ALA A 229 -18.75 -3.52 12.67
C ALA A 229 -19.69 -2.37 12.30
N GLY A 230 -20.72 -2.67 11.50
CA GLY A 230 -21.72 -1.68 11.10
C GLY A 230 -22.55 -1.15 12.25
N ARG A 231 -22.96 -2.05 13.16
CA ARG A 231 -23.77 -1.69 14.32
C ARG A 231 -23.00 -0.84 15.34
N GLN A 232 -21.69 -1.10 15.47
CA GLN A 232 -20.79 -0.39 16.39
C GLN A 232 -20.04 0.78 15.72
N ARG A 233 -20.27 0.99 14.43
CA ARG A 233 -19.56 2.01 13.61
C ARG A 233 -18.04 1.81 13.73
N ARG A 234 -17.62 0.55 13.74
CA ARG A 234 -16.23 0.19 13.97
C ARG A 234 -15.49 0.15 12.64
N ILE A 235 -14.98 1.31 12.25
CA ILE A 235 -14.33 1.51 10.96
C ILE A 235 -12.91 2.01 11.18
N ILE A 236 -11.94 1.35 10.53
CA ILE A 236 -10.53 1.79 10.49
C ILE A 236 -10.23 2.29 9.06
N ALA A 237 -9.76 3.53 8.95
CA ALA A 237 -9.41 4.12 7.65
C ALA A 237 -7.96 4.57 7.63
N LEU A 238 -7.19 4.00 6.72
CA LEU A 238 -5.79 4.35 6.56
C LEU A 238 -5.55 4.80 5.13
N ASP A 239 -4.55 5.64 4.90
CA ASP A 239 -4.23 6.02 3.52
C ASP A 239 -3.52 4.82 2.85
N ASP A 240 -3.64 4.75 1.53
CA ASP A 240 -3.30 3.54 0.77
C ASP A 240 -1.81 3.19 0.73
N LEU A 241 -0.96 4.20 0.52
CA LEU A 241 0.48 4.03 0.60
C LEU A 241 0.96 3.45 1.95
N TYR A 242 0.43 3.99 3.04
CA TYR A 242 0.73 3.54 4.40
C TYR A 242 0.27 2.10 4.68
N LEU A 243 -0.97 1.77 4.30
CA LEU A 243 -1.53 0.44 4.52
C LEU A 243 -1.03 -0.62 3.52
N LEU A 244 -1.08 -0.30 2.22
CA LEU A 244 -0.89 -1.27 1.14
C LEU A 244 0.50 -1.29 0.47
N GLY A 245 1.26 -0.22 0.65
CA GLY A 245 2.51 0.01 -0.06
C GLY A 245 3.69 -0.89 0.25
N MET A 246 3.75 -1.42 1.47
CA MET A 246 4.85 -2.27 1.95
C MET A 246 6.21 -1.55 1.85
N GLY A 247 6.23 -0.33 2.38
CA GLY A 247 7.42 0.52 2.37
C GLY A 247 8.07 0.61 3.74
N PRO A 248 8.99 1.59 3.93
CA PRO A 248 9.73 1.72 5.20
C PRO A 248 8.87 1.87 6.47
N ARG A 249 7.61 2.31 6.32
CA ARG A 249 6.70 2.55 7.45
C ARG A 249 5.76 1.35 7.75
N THR A 250 6.07 0.18 7.16
CA THR A 250 5.23 -1.02 7.33
C THR A 250 5.01 -1.37 8.80
N GLY A 251 6.11 -1.35 9.57
CA GLY A 251 6.10 -1.61 11.02
C GLY A 251 5.23 -0.63 11.79
N GLN A 252 5.14 0.60 11.29
CA GLN A 252 4.29 1.63 11.91
C GLN A 252 2.81 1.42 11.65
N ALA A 253 2.48 1.06 10.40
CA ALA A 253 1.11 0.72 10.01
C ALA A 253 0.59 -0.49 10.75
N LEU A 254 1.43 -1.51 10.87
CA LEU A 254 1.16 -2.71 11.68
C LEU A 254 0.88 -2.40 13.16
N THR A 255 1.70 -1.54 13.77
CA THR A 255 1.49 -1.06 15.15
C THR A 255 0.11 -0.42 15.28
N ASP A 256 -0.17 0.55 14.40
CA ASP A 256 -1.48 1.19 14.31
C ASP A 256 -2.65 0.20 14.14
N LEU A 257 -2.53 -0.73 13.18
CA LEU A 257 -3.55 -1.76 12.94
C LEU A 257 -3.77 -2.65 14.13
N THR A 258 -2.68 -3.18 14.71
CA THR A 258 -2.81 -4.06 15.87
C THR A 258 -3.42 -3.37 17.10
N ILE A 259 -3.09 -2.09 17.31
CA ILE A 259 -3.70 -1.28 18.39
C ILE A 259 -5.22 -1.22 18.17
N ALA A 260 -5.61 -0.88 16.93
CA ALA A 260 -7.01 -0.82 16.53
C ALA A 260 -7.74 -2.17 16.57
N PHE A 261 -7.06 -3.25 16.17
CA PHE A 261 -7.63 -4.61 16.20
C PHE A 261 -7.90 -5.06 17.64
N TYR A 262 -7.00 -4.67 18.55
CA TYR A 262 -7.17 -4.93 19.98
C TYR A 262 -8.46 -4.26 20.49
N ASP A 263 -8.66 -2.97 20.18
CA ASP A 263 -9.90 -2.25 20.51
C ASP A 263 -11.16 -2.97 19.96
N ALA A 264 -11.10 -3.39 18.71
CA ALA A 264 -12.14 -4.21 18.08
C ALA A 264 -12.38 -5.55 18.78
N ALA A 265 -11.31 -6.21 19.23
CA ALA A 265 -11.39 -7.48 19.95
C ALA A 265 -12.14 -7.36 21.29
N GLN A 266 -11.93 -6.24 21.99
CA GLN A 266 -12.67 -5.90 23.22
C GLN A 266 -14.19 -5.85 23.01
MG MG B . 4.59 -1.28 -4.64
MG MG C . -16.53 -17.24 7.67
#